data_1OZ8
#
_entry.id   1OZ8
#
_entity_poly.entity_id   1
_entity_poly.type   'polydeoxyribonucleotide'
_entity_poly.pdbx_seq_one_letter_code
;(DG)(DG)(DA)(DG)(DG)(DA)(DG)(DG)(DA)(DG)(DG)(DA)(DG)(DG)(DA)(DG)(DG)(DA)(DG)(DG)
(DA)(DG)(DG)(DA)
;
_entity_poly.pdbx_strand_id   A
#